data_7P14
#
_entry.id   7P14
#
_cell.length_a   1.00
_cell.length_b   1.00
_cell.length_c   1.00
_cell.angle_alpha   90.00
_cell.angle_beta   90.00
_cell.angle_gamma   90.00
#
_symmetry.space_group_name_H-M   'P 1'
#
loop_
_entity.id
_entity.type
_entity.pdbx_description
1 polymer 'XK-related protein'
2 polymer Sybody
3 non-polymer 'DIUNDECYL PHOSPHATIDYL CHOLINE'
4 non-polymer O-[(R)-{[(2R)-2,3-bis(octadecanoyloxy)propyl]oxy}(hydroxy)phosphoryl]-L-serine
#
loop_
_entity_poly.entity_id
_entity_poly.type
_entity_poly.pdbx_seq_one_letter_code
_entity_poly.pdbx_strand_id
1 'polypeptide(L)'
;MKYTICNFMMSVLGIIIYVTDLVADIVLTVRYFYDGQYVFGVLTLSFVLCGTLIVHCFSYSWLKDDLKKAGGENEHYFLL
LHCLQGGVFTRYWFVLRTGYHVVFKHSHRTSNFMEEQTDPHKEAIDMATDLSMLRLFETYLEGCPQLILQLYAFLERGQA
NFSQYMVIMVSCCAISWSTVDYQIALRKSLPDKNLLRGFWPKLTYLFYKLFTLLSWMLSVVLLLFVDVRTVLLLLLFLWT
VGFIWAFINHTQFCNSLSMEFLYRLVVGFILVFTFFNIKGQNTKCPMSCYYTVRVLGTLGILTVFWIYPLSIFNSDYFIP
ISATIVLSLLFGIIFLGVYYGTYHPNINAGTQHDEPDGKAPQRDCRIRYFLMDA
;
A
2 'polypeptide(L)'
;SQVQLVESGGGSVQAGGSLRLSCAASGNIADIYYLGWFRQAPGKEREGVAALITYNGRTYYADSVKGRFTVSLDNAKNTV
YLQMNSLKPEDTALYYCAAAYNGLIAAPLKVTRYWYWGQGTQVTVS
;
B
#
# COMPACT_ATOMS: atom_id res chain seq x y z
N MET A 1 11.67 -32.28 -7.87
CA MET A 1 10.87 -33.30 -7.22
C MET A 1 11.60 -33.88 -6.01
N LYS A 2 12.92 -33.75 -6.01
CA LYS A 2 13.76 -34.25 -4.94
C LYS A 2 14.18 -33.16 -3.96
N TYR A 3 13.57 -31.98 -4.04
CA TYR A 3 13.85 -30.86 -3.14
C TYR A 3 15.33 -30.47 -3.20
N THR A 4 15.74 -30.01 -4.37
CA THR A 4 17.14 -29.70 -4.64
C THR A 4 17.61 -28.53 -3.76
N ILE A 5 18.92 -28.27 -3.84
CA ILE A 5 19.53 -27.21 -3.05
C ILE A 5 18.96 -25.85 -3.41
N CYS A 6 18.60 -25.64 -4.67
CA CYS A 6 18.00 -24.37 -5.08
C CYS A 6 16.67 -24.15 -4.37
N ASN A 7 15.89 -25.23 -4.19
CA ASN A 7 14.65 -25.13 -3.43
C ASN A 7 14.92 -24.77 -1.98
N PHE A 8 15.98 -25.33 -1.38
CA PHE A 8 16.33 -24.96 -0.01
C PHE A 8 16.70 -23.49 0.08
N MET A 9 17.44 -22.98 -0.91
CA MET A 9 17.75 -21.56 -0.93
C MET A 9 16.49 -20.72 -1.08
N MET A 10 15.47 -21.24 -1.77
CA MET A 10 14.17 -20.59 -1.80
C MET A 10 13.56 -20.52 -0.41
N SER A 11 13.66 -21.62 0.35
CA SER A 11 13.14 -21.63 1.71
C SER A 11 13.96 -20.71 2.61
N VAL A 12 15.28 -20.72 2.47
CA VAL A 12 16.13 -19.86 3.29
C VAL A 12 15.85 -18.40 2.97
N LEU A 13 15.74 -18.06 1.69
CA LEU A 13 15.46 -16.68 1.30
C LEU A 13 14.14 -16.20 1.90
N GLY A 14 13.20 -17.14 2.11
CA GLY A 14 11.88 -16.74 2.60
C GLY A 14 11.92 -16.22 4.03
N ILE A 15 12.74 -16.84 4.89
CA ILE A 15 12.71 -16.48 6.30
C ILE A 15 13.25 -15.07 6.51
N ILE A 16 14.23 -14.66 5.72
CA ILE A 16 14.65 -13.26 5.74
C ILE A 16 13.51 -12.36 5.28
N ILE A 17 12.81 -12.77 4.21
CA ILE A 17 11.70 -11.97 3.72
C ILE A 17 10.59 -11.86 4.77
N TYR A 18 10.30 -12.97 5.45
CA TYR A 18 9.25 -12.96 6.46
C TYR A 18 9.63 -12.08 7.65
N VAL A 19 10.83 -12.28 8.20
CA VAL A 19 11.24 -11.53 9.38
C VAL A 19 11.41 -10.05 9.06
N THR A 20 12.04 -9.73 7.92
CA THR A 20 12.22 -8.33 7.54
C THR A 20 10.88 -7.64 7.30
N ASP A 21 9.93 -8.36 6.69
CA ASP A 21 8.60 -7.79 6.49
C ASP A 21 7.93 -7.49 7.83
N LEU A 22 8.04 -8.42 8.78
CA LEU A 22 7.43 -8.22 10.09
C LEU A 22 8.08 -7.09 10.85
N VAL A 23 9.42 -7.04 10.86
CA VAL A 23 10.11 -6.03 11.65
C VAL A 23 9.95 -4.65 11.02
N ALA A 24 9.86 -4.59 9.68
CA ALA A 24 9.67 -3.30 9.02
C ALA A 24 8.32 -2.70 9.37
N ASP A 25 7.27 -3.54 9.41
CA ASP A 25 5.95 -3.04 9.78
C ASP A 25 5.93 -2.53 11.22
N ILE A 26 6.60 -3.24 12.13
CA ILE A 26 6.69 -2.77 13.51
C ILE A 26 7.47 -1.46 13.59
N VAL A 27 8.57 -1.37 12.85
CA VAL A 27 9.34 -0.12 12.80
C VAL A 27 8.51 0.99 12.19
N LEU A 28 7.82 0.69 11.09
CA LEU A 28 6.99 1.71 10.44
C LEU A 28 5.82 2.12 11.31
N THR A 29 5.18 1.16 11.97
CA THR A 29 4.05 1.50 12.85
C THR A 29 4.50 2.39 14.00
N VAL A 30 5.66 2.07 14.59
CA VAL A 30 6.21 2.92 15.63
C VAL A 30 6.55 4.29 15.07
N ARG A 31 7.08 4.33 13.85
CA ARG A 31 7.43 5.60 13.24
C ARG A 31 6.20 6.48 13.01
N TYR A 32 5.11 5.88 12.55
CA TYR A 32 3.86 6.64 12.38
C TYR A 32 3.36 7.18 13.72
N PHE A 33 3.36 6.34 14.76
CA PHE A 33 2.90 6.78 16.06
C PHE A 33 3.81 7.86 16.62
N TYR A 34 5.11 7.77 16.35
CA TYR A 34 6.02 8.83 16.77
C TYR A 34 5.83 10.08 15.94
N ASP A 35 5.45 9.94 14.67
CA ASP A 35 5.26 11.07 13.77
C ASP A 35 3.86 11.67 13.86
N GLY A 36 2.97 11.06 14.65
CA GLY A 36 1.62 11.57 14.82
C GLY A 36 0.58 11.04 13.85
N GLN A 37 0.99 10.24 12.86
CA GLN A 37 0.03 9.66 11.91
C GLN A 37 -0.58 8.40 12.52
N TYR A 38 -1.53 8.62 13.43
CA TYR A 38 -2.20 7.50 14.08
C TYR A 38 -3.02 6.69 13.09
N VAL A 39 -3.71 7.37 12.16
CA VAL A 39 -4.57 6.66 11.22
C VAL A 39 -3.74 5.76 10.31
N PHE A 40 -2.64 6.28 9.79
CA PHE A 40 -1.73 5.44 9.00
C PHE A 40 -1.04 4.39 9.86
N GLY A 41 -0.90 4.64 11.15
CA GLY A 41 -0.22 3.71 12.04
C GLY A 41 -1.04 2.47 12.35
N VAL A 42 -2.28 2.67 12.82
CA VAL A 42 -3.12 1.53 13.18
C VAL A 42 -3.45 0.70 11.94
N LEU A 43 -3.65 1.36 10.80
CA LEU A 43 -3.91 0.62 9.56
C LEU A 43 -2.71 -0.22 9.16
N THR A 44 -1.50 0.32 9.30
CA THR A 44 -0.31 -0.44 8.96
C THR A 44 -0.17 -1.68 9.84
N LEU A 45 -0.45 -1.53 11.13
CA LEU A 45 -0.38 -2.67 12.04
C LEU A 45 -1.57 -3.61 11.87
N SER A 46 -2.74 -3.07 11.51
CA SER A 46 -3.93 -3.91 11.37
C SER A 46 -3.77 -4.90 10.23
N PHE A 47 -3.23 -4.45 9.09
CA PHE A 47 -3.12 -5.32 7.93
C PHE A 47 -2.21 -6.50 8.21
N VAL A 48 -1.05 -6.26 8.84
CA VAL A 48 -0.14 -7.35 9.15
C VAL A 48 -0.70 -8.24 10.25
N LEU A 49 -1.38 -7.64 11.24
CA LEU A 49 -1.95 -8.43 12.32
C LEU A 49 -3.15 -9.25 11.83
N CYS A 50 -4.07 -8.61 11.10
CA CYS A 50 -5.24 -9.34 10.61
C CYS A 50 -4.84 -10.35 9.54
N GLY A 51 -3.80 -10.06 8.76
CA GLY A 51 -3.28 -11.03 7.82
C GLY A 51 -2.67 -12.23 8.51
N THR A 52 -1.89 -11.99 9.57
CA THR A 52 -1.28 -13.09 10.32
C THR A 52 -2.32 -13.94 11.02
N LEU A 53 -3.34 -13.29 11.60
CA LEU A 53 -4.37 -14.03 12.33
C LEU A 53 -5.13 -14.98 11.42
N ILE A 54 -5.46 -14.53 10.21
CA ILE A 54 -6.17 -15.39 9.26
C ILE A 54 -5.31 -16.58 8.88
N VAL A 55 -4.04 -16.35 8.60
CA VAL A 55 -3.15 -17.44 8.18
C VAL A 55 -2.97 -18.45 9.32
N HIS A 56 -2.91 -17.95 10.56
CA HIS A 56 -2.76 -18.85 11.71
C HIS A 56 -3.96 -19.77 11.84
N CYS A 57 -5.15 -19.28 11.46
CA CYS A 57 -6.34 -20.14 11.50
C CYS A 57 -6.20 -21.32 10.55
N PHE A 58 -5.71 -21.07 9.33
CA PHE A 58 -5.45 -22.15 8.40
C PHE A 58 -4.33 -23.05 8.90
N SER A 59 -3.26 -22.46 9.44
CA SER A 59 -2.11 -23.25 9.86
C SER A 59 -2.47 -24.16 11.04
N TYR A 60 -3.21 -23.63 12.01
CA TYR A 60 -3.62 -24.45 13.14
C TYR A 60 -4.58 -25.54 12.71
N SER A 61 -5.51 -25.22 11.80
CA SER A 61 -6.48 -26.22 11.35
C SER A 61 -5.80 -27.36 10.61
N TRP A 62 -4.83 -27.04 9.75
CA TRP A 62 -4.15 -28.07 8.97
C TRP A 62 -3.38 -29.02 9.88
N LEU A 63 -2.65 -28.46 10.86
CA LEU A 63 -1.92 -29.31 11.80
C LEU A 63 -2.86 -30.15 12.64
N LYS A 64 -3.95 -29.54 13.12
CA LYS A 64 -4.92 -30.28 13.93
C LYS A 64 -5.61 -31.37 13.11
N ASP A 65 -5.93 -31.08 11.86
CA ASP A 65 -6.61 -32.06 11.01
C ASP A 65 -5.74 -33.29 10.80
N ASP A 66 -4.45 -33.09 10.55
CA ASP A 66 -3.54 -34.22 10.36
C ASP A 66 -3.09 -34.83 11.67
N LEU A 67 -3.38 -34.21 12.80
CA LEU A 67 -2.98 -34.75 14.11
C LEU A 67 -4.05 -35.70 14.63
N LEU A 81 0.30 -21.18 24.44
CA LEU A 81 -0.17 -22.56 24.48
C LEU A 81 -0.34 -23.14 23.07
N HIS A 82 -1.20 -24.16 22.94
CA HIS A 82 -1.29 -24.91 21.69
C HIS A 82 -1.73 -24.04 20.52
N CYS A 83 -2.47 -22.97 20.78
CA CYS A 83 -2.94 -22.12 19.68
C CYS A 83 -1.77 -21.47 18.95
N LEU A 84 -0.80 -20.96 19.70
CA LEU A 84 0.40 -20.36 19.13
C LEU A 84 1.53 -21.37 18.96
N GLN A 85 1.36 -22.58 19.46
CA GLN A 85 2.43 -23.59 19.35
C GLN A 85 2.60 -24.06 17.91
N GLY A 86 1.56 -23.96 17.09
CA GLY A 86 1.65 -24.38 15.71
C GLY A 86 1.46 -23.25 14.71
N GLY A 87 2.06 -22.10 15.00
CA GLY A 87 1.93 -20.95 14.14
C GLY A 87 2.80 -21.03 12.91
N VAL A 88 2.84 -19.92 12.17
CA VAL A 88 3.62 -19.87 10.94
C VAL A 88 5.11 -19.99 11.24
N PHE A 89 5.57 -19.33 12.30
CA PHE A 89 6.98 -19.43 12.68
C PHE A 89 7.38 -20.85 13.01
N THR A 90 6.48 -21.61 13.66
CA THR A 90 6.78 -23.00 13.99
C THR A 90 6.98 -23.83 12.72
N ARG A 91 6.17 -23.59 11.70
CA ARG A 91 6.32 -24.33 10.44
C ARG A 91 7.67 -24.07 9.79
N TYR A 92 8.18 -22.83 9.89
CA TYR A 92 9.46 -22.52 9.29
C TYR A 92 10.58 -23.34 9.89
N TRP A 93 10.57 -23.51 11.21
CA TRP A 93 11.68 -24.17 11.89
C TRP A 93 11.82 -25.62 11.45
N PHE A 94 10.69 -26.32 11.31
CA PHE A 94 10.75 -27.71 10.85
C PHE A 94 11.16 -27.80 9.38
N VAL A 95 10.71 -26.84 8.56
CA VAL A 95 11.08 -26.84 7.15
C VAL A 95 12.58 -26.66 7.00
N LEU A 96 13.16 -25.74 7.78
CA LEU A 96 14.60 -25.52 7.73
C LEU A 96 15.36 -26.77 8.18
N ARG A 97 14.87 -27.45 9.23
CA ARG A 97 15.52 -28.68 9.68
C ARG A 97 15.47 -29.75 8.60
N THR A 98 14.31 -29.93 7.97
CA THR A 98 14.18 -30.93 6.92
C THR A 98 15.04 -30.56 5.70
N GLY A 99 15.08 -29.28 5.36
CA GLY A 99 15.91 -28.86 4.24
C GLY A 99 17.39 -29.11 4.50
N TYR A 100 17.85 -28.84 5.71
CA TYR A 100 19.25 -29.10 6.06
C TYR A 100 19.54 -30.59 6.02
N HIS A 101 18.60 -31.41 6.48
CA HIS A 101 18.79 -32.85 6.46
C HIS A 101 18.91 -33.37 5.02
N VAL A 102 18.12 -32.80 4.10
CA VAL A 102 18.20 -33.19 2.70
C VAL A 102 19.57 -32.87 2.13
N VAL A 103 20.09 -31.68 2.45
CA VAL A 103 21.42 -31.29 1.96
C VAL A 103 22.49 -32.22 2.51
N PHE A 104 22.40 -32.55 3.80
CA PHE A 104 23.37 -33.45 4.40
C PHE A 104 23.32 -34.84 3.77
N LYS A 105 22.11 -35.34 3.53
CA LYS A 105 21.94 -36.66 2.91
C LYS A 105 22.25 -36.60 1.41
N ASP A 119 9.64 -41.52 2.66
CA ASP A 119 10.66 -40.82 1.87
C ASP A 119 10.82 -39.43 2.46
N PRO A 120 12.03 -39.12 2.93
CA PRO A 120 12.26 -37.79 3.54
C PRO A 120 11.99 -36.63 2.59
N HIS A 121 12.30 -36.80 1.30
CA HIS A 121 12.04 -35.73 0.34
C HIS A 121 10.56 -35.46 0.20
N LYS A 122 9.74 -36.53 0.15
CA LYS A 122 8.30 -36.36 0.01
C LYS A 122 7.71 -35.61 1.20
N GLU A 123 8.17 -35.94 2.42
CA GLU A 123 7.73 -35.19 3.59
C GLU A 123 8.21 -33.75 3.54
N ALA A 124 9.44 -33.53 3.07
CA ALA A 124 9.99 -32.18 3.01
C ALA A 124 9.22 -31.31 2.02
N ILE A 125 8.98 -31.83 0.82
CA ILE A 125 8.28 -31.04 -0.20
C ILE A 125 6.83 -30.82 0.21
N ASP A 126 6.21 -31.81 0.86
CA ASP A 126 4.83 -31.65 1.31
C ASP A 126 4.71 -30.55 2.35
N MET A 127 5.67 -30.47 3.28
CA MET A 127 5.66 -29.39 4.26
C MET A 127 6.01 -28.04 3.63
N ALA A 128 6.74 -28.04 2.51
CA ALA A 128 7.06 -26.79 1.84
C ALA A 128 5.86 -26.23 1.10
N THR A 129 5.09 -27.09 0.44
CA THR A 129 3.93 -26.62 -0.31
C THR A 129 2.82 -26.16 0.63
N ASP A 130 2.69 -26.80 1.79
CA ASP A 130 1.76 -26.31 2.80
C ASP A 130 2.13 -24.92 3.26
N LEU A 131 3.44 -24.62 3.26
CA LEU A 131 3.91 -23.30 3.65
C LEU A 131 3.65 -22.28 2.54
N SER A 132 3.71 -22.71 1.28
CA SER A 132 3.49 -21.80 0.17
C SER A 132 2.07 -21.25 0.16
N MET A 133 1.09 -22.11 0.48
CA MET A 133 -0.29 -21.66 0.56
C MET A 133 -0.45 -20.58 1.62
N LEU A 134 0.13 -20.80 2.80
CA LEU A 134 -0.05 -19.87 3.91
C LEU A 134 0.60 -18.52 3.63
N ARG A 135 1.78 -18.51 3.03
CA ARG A 135 2.46 -17.26 2.76
C ARG A 135 1.93 -16.55 1.53
N LEU A 136 1.19 -17.25 0.67
CA LEU A 136 0.44 -16.56 -0.38
C LEU A 136 -0.73 -15.78 0.21
N PHE A 137 -1.48 -16.40 1.12
CA PHE A 137 -2.53 -15.67 1.83
C PHE A 137 -1.93 -14.55 2.67
N GLU A 138 -0.84 -14.84 3.39
CA GLU A 138 -0.21 -13.81 4.22
C GLU A 138 0.26 -12.64 3.37
N THR A 139 0.73 -12.91 2.16
CA THR A 139 1.26 -11.84 1.31
C THR A 139 0.14 -11.03 0.69
N TYR A 140 -0.91 -11.69 0.19
CA TYR A 140 -1.97 -10.99 -0.52
C TYR A 140 -3.08 -10.48 0.39
N LEU A 141 -3.11 -10.88 1.66
CA LEU A 141 -4.01 -10.27 2.63
C LEU A 141 -3.36 -9.11 3.37
N GLU A 142 -2.04 -9.00 3.33
CA GLU A 142 -1.30 -7.92 3.95
C GLU A 142 -0.62 -6.99 2.94
N GLY A 143 0.14 -7.54 1.99
CA GLY A 143 0.87 -6.72 1.04
C GLY A 143 -0.02 -5.88 0.15
N CYS A 144 -1.06 -6.48 -0.43
CA CYS A 144 -1.96 -5.72 -1.29
C CYS A 144 -2.72 -4.63 -0.54
N PRO A 145 -3.35 -4.89 0.60
CA PRO A 145 -4.01 -3.78 1.33
C PRO A 145 -3.04 -2.75 1.87
N GLN A 146 -1.77 -3.10 2.08
CA GLN A 146 -0.81 -2.17 2.63
C GLN A 146 -0.11 -1.35 1.55
N LEU A 147 0.17 -1.96 0.39
CA LEU A 147 0.77 -1.20 -0.70
C LEU A 147 -0.13 -0.06 -1.15
N ILE A 148 -1.45 -0.28 -1.13
CA ILE A 148 -2.38 0.82 -1.39
C ILE A 148 -2.23 1.90 -0.33
N LEU A 149 -2.11 1.49 0.94
CA LEU A 149 -1.94 2.46 2.02
C LEU A 149 -0.63 3.21 1.88
N GLN A 150 0.47 2.49 1.58
CA GLN A 150 1.76 3.15 1.48
C GLN A 150 1.85 4.03 0.25
N LEU A 151 1.28 3.58 -0.87
CA LEU A 151 1.22 4.44 -2.05
C LEU A 151 0.33 5.66 -1.80
N TYR A 152 -0.70 5.50 -0.96
CA TYR A 152 -1.50 6.65 -0.56
C TYR A 152 -0.66 7.63 0.26
N ALA A 153 0.17 7.12 1.16
CA ALA A 153 0.98 8.00 1.99
C ALA A 153 2.15 8.58 1.21
N PHE A 154 2.73 7.83 0.27
CA PHE A 154 3.85 8.33 -0.51
C PHE A 154 3.41 9.36 -1.54
N LEU A 155 2.28 9.13 -2.22
CA LEU A 155 1.83 10.06 -3.24
C LEU A 155 1.26 11.35 -2.65
N GLU A 156 0.76 11.32 -1.42
CA GLU A 156 0.14 12.50 -0.85
C GLU A 156 1.19 13.50 -0.37
N ARG A 157 2.17 13.04 0.40
CA ARG A 157 3.18 13.93 0.96
C ARG A 157 4.36 14.14 0.01
N GLY A 158 4.39 13.46 -1.12
CA GLY A 158 5.41 13.70 -2.13
C GLY A 158 6.67 12.86 -2.01
N GLN A 159 7.49 13.11 -0.99
CA GLN A 159 8.80 12.49 -0.91
C GLN A 159 8.86 11.28 0.02
N ALA A 160 7.90 11.13 0.94
CA ALA A 160 7.91 10.03 1.91
C ALA A 160 9.19 10.03 2.73
N ASN A 161 9.54 8.89 3.32
CA ASN A 161 10.74 8.78 4.13
C ASN A 161 11.37 7.42 3.88
N PHE A 162 12.52 7.18 4.53
CA PHE A 162 13.27 5.96 4.29
C PHE A 162 12.52 4.73 4.80
N SER A 163 11.89 4.83 5.98
CA SER A 163 11.21 3.67 6.55
C SER A 163 10.05 3.22 5.68
N GLN A 164 9.31 4.17 5.10
CA GLN A 164 8.23 3.81 4.19
C GLN A 164 8.75 3.11 2.94
N TYR A 165 9.96 3.45 2.50
CA TYR A 165 10.52 2.80 1.33
C TYR A 165 10.82 1.33 1.59
N MET A 166 11.28 1.01 2.80
CA MET A 166 11.57 -0.39 3.12
C MET A 166 10.31 -1.24 3.08
N VAL A 167 9.20 -0.73 3.63
CA VAL A 167 7.95 -1.49 3.63
C VAL A 167 7.46 -1.72 2.21
N ILE A 168 7.52 -0.67 1.36
CA ILE A 168 7.11 -0.82 -0.02
C ILE A 168 7.99 -1.82 -0.74
N MET A 169 9.31 -1.75 -0.52
CA MET A 169 10.22 -2.64 -1.22
C MET A 169 10.08 -4.08 -0.76
N VAL A 170 9.95 -4.31 0.56
CA VAL A 170 9.86 -5.68 1.05
C VAL A 170 8.52 -6.29 0.65
N SER A 171 7.44 -5.51 0.70
CA SER A 171 6.15 -6.00 0.24
C SER A 171 6.18 -6.29 -1.26
N CYS A 172 6.85 -5.43 -2.03
CA CYS A 172 7.05 -5.72 -3.46
C CYS A 172 7.87 -6.99 -3.63
N CYS A 173 8.87 -7.20 -2.76
CA CYS A 173 9.62 -8.45 -2.80
C CYS A 173 8.80 -9.62 -2.26
N ALA A 174 8.01 -9.37 -1.20
CA ALA A 174 7.20 -10.44 -0.63
C ALA A 174 6.17 -10.95 -1.65
N ILE A 175 5.53 -10.03 -2.36
CA ILE A 175 4.63 -10.44 -3.44
C ILE A 175 5.42 -11.14 -4.54
N SER A 176 6.59 -10.60 -4.90
CA SER A 176 7.40 -11.21 -5.94
C SER A 176 7.90 -12.58 -5.51
N TRP A 177 8.35 -12.72 -4.26
CA TRP A 177 8.88 -13.98 -3.80
C TRP A 177 7.79 -15.03 -3.63
N SER A 178 6.67 -14.65 -3.02
CA SER A 178 5.60 -15.60 -2.76
C SER A 178 5.00 -16.11 -4.07
N THR A 179 4.85 -15.24 -5.06
CA THR A 179 4.30 -15.65 -6.34
C THR A 179 5.18 -16.69 -7.02
N VAL A 180 6.50 -16.51 -6.94
CA VAL A 180 7.41 -17.47 -7.55
C VAL A 180 7.40 -18.78 -6.76
N ASP A 181 7.45 -18.69 -5.43
CA ASP A 181 7.45 -19.89 -4.60
C ASP A 181 6.16 -20.68 -4.77
N TYR A 182 5.03 -19.98 -4.79
CA TYR A 182 3.76 -20.66 -5.04
C TYR A 182 3.74 -21.29 -6.41
N GLN A 183 4.36 -20.62 -7.40
CA GLN A 183 4.43 -21.18 -8.75
C GLN A 183 5.25 -22.46 -8.76
N ILE A 184 6.36 -22.49 -8.01
CA ILE A 184 7.20 -23.67 -7.95
C ILE A 184 6.47 -24.83 -7.28
N ALA A 185 5.66 -24.53 -6.26
CA ALA A 185 4.96 -25.57 -5.53
C ALA A 185 4.00 -26.34 -6.44
N LEU A 186 3.30 -25.63 -7.33
CA LEU A 186 2.36 -26.28 -8.22
C LEU A 186 3.08 -27.26 -9.16
N ARG A 187 4.23 -26.86 -9.69
CA ARG A 187 4.95 -27.71 -10.62
C ARG A 187 5.42 -29.00 -9.96
N LYS A 188 5.69 -28.95 -8.66
CA LYS A 188 6.23 -30.11 -7.94
C LYS A 188 5.16 -30.97 -7.28
N SER A 189 4.04 -30.38 -6.89
CA SER A 189 3.01 -31.14 -6.18
C SER A 189 2.21 -32.03 -7.13
N LEU A 190 1.53 -31.41 -8.10
CA LEU A 190 0.68 -32.20 -8.99
C LEU A 190 1.28 -32.28 -10.38
N PRO A 191 1.18 -33.44 -11.03
CA PRO A 191 1.81 -33.59 -12.36
C PRO A 191 1.06 -32.87 -13.47
N ASP A 192 -0.11 -32.28 -13.19
CA ASP A 192 -0.89 -31.63 -14.24
C ASP A 192 -0.14 -30.46 -14.85
N LYS A 193 0.69 -29.78 -14.06
CA LYS A 193 1.47 -28.64 -14.56
C LYS A 193 2.85 -29.09 -15.05
N ASN A 194 2.86 -30.07 -15.95
CA ASN A 194 4.13 -30.60 -16.46
C ASN A 194 4.81 -29.60 -17.40
N LEU A 195 4.03 -28.90 -18.23
CA LEU A 195 4.60 -27.93 -19.16
C LEU A 195 5.14 -26.69 -18.46
N LEU A 196 4.87 -26.54 -17.16
CA LEU A 196 5.29 -25.35 -16.43
C LEU A 196 6.80 -25.30 -16.18
N ARG A 197 7.51 -26.39 -16.44
CA ARG A 197 8.95 -26.42 -16.22
C ARG A 197 9.65 -25.36 -17.07
N GLY A 198 10.59 -24.67 -16.45
CA GLY A 198 11.37 -23.64 -17.13
C GLY A 198 11.53 -22.39 -16.28
N PHE A 199 12.57 -21.63 -16.63
CA PHE A 199 12.85 -20.36 -15.96
C PHE A 199 11.93 -19.25 -16.45
N TRP A 200 11.61 -19.26 -17.74
CA TRP A 200 10.75 -18.21 -18.29
C TRP A 200 9.35 -18.17 -17.72
N PRO A 201 8.60 -19.27 -17.59
CA PRO A 201 7.23 -19.16 -17.06
C PRO A 201 7.14 -18.56 -15.68
N LYS A 202 8.11 -18.81 -14.80
CA LYS A 202 8.12 -18.15 -13.51
C LYS A 202 8.55 -16.70 -13.59
N LEU A 203 9.03 -16.25 -14.75
CA LEU A 203 9.37 -14.85 -14.95
C LEU A 203 8.22 -14.07 -15.58
N THR A 204 7.60 -14.62 -16.62
CA THR A 204 6.46 -13.96 -17.24
C THR A 204 5.29 -13.84 -16.26
N TYR A 205 5.01 -14.90 -15.51
CA TYR A 205 3.94 -14.84 -14.52
C TYR A 205 4.28 -13.86 -13.40
N LEU A 206 5.56 -13.80 -13.02
CA LEU A 206 5.95 -12.86 -11.97
C LEU A 206 5.76 -11.42 -12.43
N PHE A 207 6.27 -11.09 -13.63
CA PHE A 207 6.08 -9.74 -14.15
C PHE A 207 4.63 -9.49 -14.52
N TYR A 208 3.87 -10.55 -14.78
CA TYR A 208 2.42 -10.44 -14.89
C TYR A 208 1.80 -9.85 -13.63
N LYS A 209 2.10 -10.44 -12.48
CA LYS A 209 1.43 -10.01 -11.25
C LYS A 209 1.82 -8.59 -10.86
N LEU A 210 3.10 -8.23 -11.01
CA LEU A 210 3.51 -6.87 -10.69
C LEU A 210 2.85 -5.85 -11.60
N PHE A 211 2.79 -6.13 -12.90
CA PHE A 211 2.29 -5.14 -13.85
C PHE A 211 0.79 -4.95 -13.71
N THR A 212 0.04 -6.05 -13.56
CA THR A 212 -1.42 -5.92 -13.46
C THR A 212 -1.83 -5.39 -12.08
N LEU A 213 -1.01 -5.63 -11.06
CA LEU A 213 -1.29 -5.05 -9.74
C LEU A 213 -0.93 -3.57 -9.71
N LEU A 214 0.24 -3.22 -10.26
CA LEU A 214 0.70 -1.83 -10.21
C LEU A 214 -0.28 -0.91 -10.91
N SER A 215 -0.87 -1.38 -12.01
CA SER A 215 -1.93 -0.63 -12.66
C SER A 215 -3.14 -0.51 -11.76
N TRP A 216 -3.48 -1.60 -11.05
CA TRP A 216 -4.63 -1.56 -10.16
C TRP A 216 -4.32 -0.83 -8.86
N MET A 217 -3.09 -0.98 -8.35
CA MET A 217 -2.70 -0.25 -7.14
C MET A 217 -2.81 1.25 -7.35
N LEU A 218 -2.26 1.75 -8.46
CA LEU A 218 -2.34 3.18 -8.75
C LEU A 218 -3.76 3.60 -9.10
N SER A 219 -4.54 2.70 -9.72
CA SER A 219 -5.92 3.03 -10.04
C SER A 219 -6.74 3.28 -8.78
N VAL A 220 -6.62 2.38 -7.79
CA VAL A 220 -7.38 2.54 -6.57
C VAL A 220 -6.94 3.80 -5.83
N VAL A 221 -5.63 4.07 -5.82
CA VAL A 221 -5.11 5.23 -5.09
C VAL A 221 -5.69 6.53 -5.67
N LEU A 222 -5.81 6.62 -7.00
CA LEU A 222 -6.41 7.80 -7.59
C LEU A 222 -7.85 7.97 -7.14
N LEU A 223 -8.63 6.89 -7.13
CA LEU A 223 -9.98 6.96 -6.57
C LEU A 223 -9.94 7.21 -5.07
N LEU A 224 -8.89 6.75 -4.39
CA LEU A 224 -8.81 6.90 -2.94
C LEU A 224 -8.56 8.33 -2.51
N PHE A 225 -8.26 9.24 -3.44
CA PHE A 225 -8.06 10.64 -3.11
C PHE A 225 -9.34 11.46 -3.20
N VAL A 226 -10.24 11.12 -4.12
CA VAL A 226 -11.45 11.93 -4.31
C VAL A 226 -12.49 11.60 -3.25
N ASP A 227 -12.70 10.33 -2.96
CA ASP A 227 -13.69 9.92 -1.95
C ASP A 227 -13.27 8.58 -1.39
N VAL A 228 -12.84 8.57 -0.12
CA VAL A 228 -12.41 7.33 0.51
C VAL A 228 -13.60 6.41 0.75
N ARG A 229 -14.74 6.97 1.18
CA ARG A 229 -15.89 6.16 1.53
C ARG A 229 -16.41 5.37 0.33
N THR A 230 -16.47 6.00 -0.84
CA THR A 230 -16.99 5.33 -2.03
C THR A 230 -16.08 4.17 -2.44
N VAL A 231 -14.76 4.34 -2.32
CA VAL A 231 -13.84 3.28 -2.71
C VAL A 231 -14.02 2.06 -1.83
N LEU A 232 -14.14 2.26 -0.51
CA LEU A 232 -14.38 1.13 0.38
C LEU A 232 -15.72 0.47 0.10
N LEU A 233 -16.72 1.25 -0.31
CA LEU A 233 -17.99 0.66 -0.71
C LEU A 233 -17.81 -0.23 -1.94
N LEU A 234 -16.98 0.21 -2.89
CA LEU A 234 -16.67 -0.62 -4.03
C LEU A 234 -15.90 -1.88 -3.63
N LEU A 235 -15.09 -1.80 -2.58
CA LEU A 235 -14.41 -3.00 -2.09
C LEU A 235 -15.41 -4.04 -1.61
N LEU A 236 -16.43 -3.61 -0.86
CA LEU A 236 -17.44 -4.54 -0.37
C LEU A 236 -18.21 -5.19 -1.51
N PHE A 237 -18.56 -4.40 -2.53
CA PHE A 237 -19.24 -4.95 -3.69
C PHE A 237 -18.35 -5.96 -4.42
N LEU A 238 -17.07 -5.64 -4.59
CA LEU A 238 -16.14 -6.57 -5.20
C LEU A 238 -15.75 -7.71 -4.28
N TRP A 239 -15.84 -7.51 -2.96
CA TRP A 239 -15.61 -8.60 -2.03
C TRP A 239 -16.75 -9.60 -2.05
N THR A 240 -17.99 -9.11 -2.10
CA THR A 240 -19.14 -10.00 -2.15
C THR A 240 -19.16 -10.82 -3.44
N VAL A 241 -18.82 -10.19 -4.57
CA VAL A 241 -18.78 -10.92 -5.84
C VAL A 241 -17.76 -12.05 -5.78
N GLY A 242 -16.57 -11.76 -5.23
CA GLY A 242 -15.60 -12.82 -5.03
C GLY A 242 -16.08 -13.87 -4.05
N PHE A 243 -16.72 -13.44 -2.97
CA PHE A 243 -17.32 -14.38 -2.03
C PHE A 243 -18.40 -15.22 -2.68
N ILE A 244 -19.26 -14.58 -3.48
CA ILE A 244 -20.35 -15.30 -4.14
C ILE A 244 -19.81 -16.25 -5.19
N TRP A 245 -18.80 -15.82 -5.96
CA TRP A 245 -18.30 -16.64 -7.04
C TRP A 245 -17.72 -17.96 -6.54
N ALA A 246 -16.94 -17.91 -5.46
CA ALA A 246 -16.41 -19.14 -4.88
C ALA A 246 -17.54 -20.03 -4.37
N PHE A 247 -18.55 -19.42 -3.75
CA PHE A 247 -19.75 -20.17 -3.37
C PHE A 247 -20.43 -20.77 -4.59
N ILE A 248 -20.53 -20.01 -5.67
CA ILE A 248 -21.07 -20.54 -6.92
C ILE A 248 -20.16 -21.65 -7.44
N ASN A 249 -18.85 -21.46 -7.37
CA ASN A 249 -17.89 -22.44 -7.87
C ASN A 249 -17.80 -23.69 -7.00
N HIS A 250 -18.45 -23.70 -5.83
CA HIS A 250 -18.48 -24.87 -4.95
C HIS A 250 -17.07 -25.29 -4.53
N THR A 251 -16.24 -24.31 -4.20
CA THR A 251 -14.89 -24.60 -3.77
C THR A 251 -14.89 -25.36 -2.44
N GLN A 252 -13.98 -26.32 -2.32
CA GLN A 252 -13.81 -27.09 -1.08
C GLN A 252 -12.32 -27.25 -0.83
N PHE A 253 -11.84 -26.71 0.28
CA PHE A 253 -10.42 -26.76 0.60
C PHE A 253 -10.20 -27.28 2.01
N CYS A 254 -11.09 -26.94 2.92
CA CYS A 254 -10.97 -27.29 4.33
C CYS A 254 -11.97 -28.38 4.69
N ASN A 255 -11.52 -29.36 5.49
CA ASN A 255 -12.42 -30.42 5.92
C ASN A 255 -13.54 -29.88 6.79
N SER A 256 -13.22 -28.95 7.70
CA SER A 256 -14.23 -28.39 8.58
C SER A 256 -15.16 -27.48 7.80
N LEU A 257 -16.47 -27.64 8.03
CA LEU A 257 -17.46 -26.82 7.35
C LEU A 257 -17.31 -25.35 7.73
N SER A 258 -17.15 -25.07 9.03
CA SER A 258 -17.02 -23.68 9.48
C SER A 258 -15.72 -23.05 8.98
N MET A 259 -14.64 -23.83 8.96
CA MET A 259 -13.34 -23.28 8.55
C MET A 259 -13.32 -22.95 7.07
N GLU A 260 -14.07 -23.69 6.25
CA GLU A 260 -13.99 -23.51 4.81
C GLU A 260 -14.56 -22.15 4.39
N PHE A 261 -15.62 -21.69 5.06
CA PHE A 261 -16.16 -20.37 4.75
C PHE A 261 -15.14 -19.28 4.98
N LEU A 262 -14.21 -19.48 5.92
CA LEU A 262 -13.11 -18.54 6.07
C LEU A 262 -12.25 -18.51 4.82
N TYR A 263 -11.97 -19.68 4.26
CA TYR A 263 -11.21 -19.74 3.00
C TYR A 263 -12.02 -19.14 1.86
N ARG A 264 -13.33 -19.41 1.82
CA ARG A 264 -14.18 -18.80 0.81
C ARG A 264 -14.20 -17.28 0.95
N LEU A 265 -14.27 -16.78 2.17
CA LEU A 265 -14.28 -15.34 2.40
C LEU A 265 -12.94 -14.72 2.02
N VAL A 266 -11.83 -15.40 2.32
CA VAL A 266 -10.51 -14.84 2.06
C VAL A 266 -10.22 -14.81 0.57
N VAL A 267 -10.56 -15.87 -0.16
CA VAL A 267 -10.27 -15.93 -1.58
C VAL A 267 -11.07 -14.87 -2.33
N GLY A 268 -12.22 -14.49 -1.79
CA GLY A 268 -12.97 -13.39 -2.40
C GLY A 268 -12.24 -12.07 -2.28
N PHE A 269 -11.54 -11.86 -1.16
CA PHE A 269 -10.77 -10.64 -0.99
C PHE A 269 -9.62 -10.56 -1.98
N ILE A 270 -8.95 -11.68 -2.23
CA ILE A 270 -7.80 -11.68 -3.12
C ILE A 270 -8.21 -11.36 -4.55
N LEU A 271 -9.37 -11.86 -4.97
CA LEU A 271 -9.84 -11.61 -6.33
C LEU A 271 -10.21 -10.14 -6.56
N VAL A 272 -10.31 -9.33 -5.49
CA VAL A 272 -10.50 -7.90 -5.68
C VAL A 272 -9.30 -7.30 -6.39
N PHE A 273 -8.11 -7.79 -6.10
CA PHE A 273 -6.87 -7.24 -6.65
C PHE A 273 -6.39 -8.00 -7.89
N THR A 274 -6.18 -9.30 -7.78
CA THR A 274 -5.68 -10.10 -8.88
C THR A 274 -6.46 -11.41 -8.98
N PHE A 275 -6.58 -11.91 -10.20
CA PHE A 275 -7.31 -13.14 -10.47
C PHE A 275 -6.49 -14.37 -10.08
N PHE A 276 -7.17 -15.44 -9.67
CA PHE A 276 -6.48 -16.67 -9.33
C PHE A 276 -7.17 -17.95 -9.79
N ASN A 277 -8.27 -17.89 -10.54
CA ASN A 277 -8.88 -19.06 -11.18
C ASN A 277 -9.22 -20.13 -10.13
N ILE A 278 -10.20 -19.79 -9.29
CA ILE A 278 -10.61 -20.66 -8.20
C ILE A 278 -10.93 -22.05 -8.73
N LYS A 279 -10.42 -23.08 -8.05
CA LYS A 279 -10.71 -24.48 -8.31
C LYS A 279 -10.05 -24.98 -9.59
N GLY A 280 -9.45 -24.08 -10.35
CA GLY A 280 -8.69 -24.43 -11.53
C GLY A 280 -9.42 -25.23 -12.59
N GLN A 281 -10.75 -25.33 -12.48
CA GLN A 281 -11.56 -26.08 -13.42
C GLN A 281 -12.31 -25.17 -14.39
N ASN A 282 -12.00 -23.87 -14.41
CA ASN A 282 -12.67 -22.95 -15.30
C ASN A 282 -12.18 -23.13 -16.73
N THR A 283 -12.93 -22.55 -17.67
CA THR A 283 -12.63 -22.64 -19.09
C THR A 283 -12.03 -21.34 -19.64
N LYS A 284 -11.34 -20.57 -18.79
CA LYS A 284 -10.64 -19.31 -19.24
C LYS A 284 -11.67 -18.22 -19.50
N CYS A 285 -12.95 -18.56 -19.45
CA CYS A 285 -13.97 -17.53 -19.62
C CYS A 285 -14.04 -16.55 -18.44
N PRO A 286 -14.08 -17.00 -17.18
CA PRO A 286 -14.16 -16.02 -16.08
C PRO A 286 -12.97 -15.08 -16.01
N MET A 287 -11.78 -15.56 -16.34
CA MET A 287 -10.61 -14.69 -16.33
C MET A 287 -10.75 -13.59 -17.38
N SER A 288 -11.21 -13.95 -18.58
CA SER A 288 -11.43 -12.95 -19.62
C SER A 288 -12.50 -11.96 -19.20
N CYS A 289 -13.59 -12.45 -18.61
CA CYS A 289 -14.64 -11.54 -18.13
C CYS A 289 -14.14 -10.68 -16.99
N TYR A 290 -13.24 -11.20 -16.15
CA TYR A 290 -12.68 -10.40 -15.07
C TYR A 290 -11.78 -9.30 -15.63
N TYR A 291 -10.87 -9.64 -16.53
CA TYR A 291 -9.94 -8.66 -17.05
C TYR A 291 -10.54 -7.77 -18.12
N THR A 292 -11.62 -8.20 -18.78
CA THR A 292 -12.37 -7.27 -19.62
C THR A 292 -12.93 -6.14 -18.77
N VAL A 293 -13.48 -6.47 -17.60
CA VAL A 293 -13.93 -5.44 -16.68
C VAL A 293 -12.75 -4.63 -16.18
N ARG A 294 -11.60 -5.27 -15.97
CA ARG A 294 -10.42 -4.55 -15.52
C ARG A 294 -9.95 -3.53 -16.56
N VAL A 295 -9.86 -3.96 -17.83
CA VAL A 295 -9.31 -3.07 -18.85
C VAL A 295 -10.24 -1.88 -19.09
N LEU A 296 -11.55 -2.16 -19.27
CA LEU A 296 -12.49 -1.06 -19.46
C LEU A 296 -12.68 -0.27 -18.17
N GLY A 297 -12.64 -0.95 -17.02
CA GLY A 297 -12.76 -0.25 -15.76
C GLY A 297 -11.59 0.69 -15.50
N THR A 298 -10.38 0.22 -15.74
CA THR A 298 -9.20 1.06 -15.55
C THR A 298 -9.18 2.22 -16.54
N LEU A 299 -9.46 1.94 -17.82
CA LEU A 299 -9.50 3.01 -18.81
C LEU A 299 -10.69 3.92 -18.60
N GLY A 300 -11.80 3.38 -18.13
CA GLY A 300 -12.97 4.20 -17.86
C GLY A 300 -12.72 5.23 -16.78
N ILE A 301 -11.91 4.88 -15.78
CA ILE A 301 -11.58 5.81 -14.72
C ILE A 301 -10.79 7.00 -15.26
N LEU A 302 -9.80 6.73 -16.11
CA LEU A 302 -8.95 7.80 -16.62
C LEU A 302 -9.73 8.78 -17.49
N THR A 303 -10.65 8.26 -18.32
CA THR A 303 -11.43 9.13 -19.18
C THR A 303 -12.25 10.12 -18.36
N VAL A 304 -12.82 9.67 -17.24
CA VAL A 304 -13.52 10.58 -16.33
C VAL A 304 -12.55 11.62 -15.78
N PHE A 305 -11.33 11.20 -15.44
CA PHE A 305 -10.33 12.12 -14.91
C PHE A 305 -9.67 12.94 -16.01
N TRP A 306 -9.77 12.54 -17.27
CA TRP A 306 -9.16 13.25 -18.39
C TRP A 306 -10.15 14.18 -19.08
N ILE A 307 -11.30 13.65 -19.51
CA ILE A 307 -12.32 14.47 -20.16
C ILE A 307 -12.83 15.53 -19.19
N TYR A 308 -13.01 15.14 -17.92
CA TYR A 308 -13.40 16.08 -16.85
C TYR A 308 -12.19 16.31 -15.97
N PRO A 309 -11.53 17.46 -16.07
CA PRO A 309 -10.37 17.73 -15.23
C PRO A 309 -10.75 17.85 -13.75
N LEU A 310 -9.83 17.45 -12.89
CA LEU A 310 -10.02 17.52 -11.45
C LEU A 310 -9.08 18.56 -10.88
N SER A 311 -9.64 19.53 -10.15
CA SER A 311 -8.81 20.57 -9.53
C SER A 311 -7.95 20.01 -8.40
N ILE A 312 -8.35 18.88 -7.80
CA ILE A 312 -7.58 18.30 -6.70
C ILE A 312 -6.22 17.83 -7.19
N PHE A 313 -6.18 17.17 -8.34
CA PHE A 313 -4.94 16.57 -8.82
C PHE A 313 -4.07 17.60 -9.53
N ASN A 314 -2.77 17.32 -9.55
CA ASN A 314 -1.79 18.20 -10.16
C ASN A 314 -1.37 17.65 -11.52
N SER A 315 -1.44 18.51 -12.54
CA SER A 315 -1.19 18.05 -13.91
C SER A 315 0.26 17.61 -14.10
N ASP A 316 1.18 18.22 -13.35
CA ASP A 316 2.60 17.91 -13.52
C ASP A 316 2.90 16.46 -13.19
N TYR A 317 2.28 15.95 -12.12
CA TYR A 317 2.56 14.57 -11.69
C TYR A 317 1.50 13.59 -12.17
N PHE A 318 0.33 14.07 -12.59
CA PHE A 318 -0.73 13.15 -12.99
C PHE A 318 -0.40 12.44 -14.28
N ILE A 319 0.16 13.15 -15.25
CA ILE A 319 0.42 12.55 -16.56
C ILE A 319 1.56 11.53 -16.50
N PRO A 320 2.54 11.62 -15.58
CA PRO A 320 3.37 10.43 -15.35
C PRO A 320 2.56 9.25 -14.86
N ILE A 321 1.58 9.48 -13.99
CA ILE A 321 0.77 8.39 -13.45
C ILE A 321 -0.14 7.82 -14.53
N SER A 322 -0.74 8.69 -15.34
CA SER A 322 -1.65 8.22 -16.39
C SER A 322 -0.90 7.35 -17.39
N ALA A 323 0.33 7.72 -17.74
CA ALA A 323 1.15 6.87 -18.58
C ALA A 323 1.52 5.58 -17.84
N THR A 324 1.83 5.68 -16.55
CA THR A 324 2.26 4.51 -15.79
C THR A 324 1.15 3.48 -15.68
N ILE A 325 -0.08 3.93 -15.41
CA ILE A 325 -1.18 2.99 -15.17
C ILE A 325 -1.58 2.29 -16.47
N VAL A 326 -1.62 3.03 -17.58
CA VAL A 326 -2.00 2.42 -18.85
C VAL A 326 -0.90 1.51 -19.36
N LEU A 327 0.35 1.98 -19.33
CA LEU A 327 1.44 1.20 -19.90
C LEU A 327 1.70 -0.07 -19.09
N SER A 328 1.58 0.00 -17.76
CA SER A 328 1.70 -1.20 -16.95
C SER A 328 0.60 -2.19 -17.26
N LEU A 329 -0.63 -1.71 -17.41
CA LEU A 329 -1.72 -2.60 -17.80
C LEU A 329 -1.54 -3.10 -19.22
N LEU A 330 -0.99 -2.26 -20.11
CA LEU A 330 -0.73 -2.69 -21.47
C LEU A 330 0.27 -3.83 -21.50
N PHE A 331 1.34 -3.73 -20.71
CA PHE A 331 2.29 -4.83 -20.61
C PHE A 331 1.75 -5.97 -19.75
N GLY A 332 0.91 -5.66 -18.77
CA GLY A 332 0.34 -6.72 -17.95
C GLY A 332 -0.50 -7.69 -18.75
N ILE A 333 -1.34 -7.16 -19.64
CA ILE A 333 -2.16 -8.02 -20.48
C ILE A 333 -1.30 -8.78 -21.48
N ILE A 334 -0.25 -8.14 -22.00
CA ILE A 334 0.62 -8.81 -22.95
C ILE A 334 1.31 -10.01 -22.31
N PHE A 335 1.78 -9.85 -21.07
CA PHE A 335 2.39 -10.97 -20.37
C PHE A 335 1.38 -12.08 -20.12
N LEU A 336 0.12 -11.71 -19.83
CA LEU A 336 -0.92 -12.72 -19.68
C LEU A 336 -1.15 -13.49 -20.98
N GLY A 337 -1.16 -12.77 -22.11
CA GLY A 337 -1.31 -13.45 -23.39
C GLY A 337 -0.15 -14.37 -23.70
N VAL A 338 1.06 -13.97 -23.30
CA VAL A 338 2.22 -14.83 -23.48
C VAL A 338 2.09 -16.09 -22.63
N TYR A 339 1.50 -15.97 -21.45
CA TYR A 339 1.37 -17.12 -20.54
C TYR A 339 0.53 -18.23 -21.18
N TYR A 340 -0.62 -17.88 -21.75
CA TYR A 340 -1.49 -18.88 -22.34
C TYR A 340 -1.05 -19.29 -23.75
N GLY A 341 -0.30 -18.43 -24.44
CA GLY A 341 0.15 -18.78 -25.77
C GLY A 341 1.29 -19.79 -25.80
N THR A 342 1.84 -20.13 -24.64
CA THR A 342 3.00 -21.01 -24.56
C THR A 342 2.83 -22.19 -23.62
N TYR A 343 2.01 -22.06 -22.57
CA TYR A 343 1.90 -23.10 -21.55
C TYR A 343 0.54 -23.76 -21.52
N HIS A 344 -0.54 -23.00 -21.40
CA HIS A 344 -1.87 -23.60 -21.35
C HIS A 344 -2.35 -23.99 -22.73
N CYS A 365 -1.00 -33.45 -3.62
CA CYS A 365 -2.21 -34.16 -3.24
C CYS A 365 -3.20 -33.22 -2.54
N ARG A 366 -2.67 -32.17 -1.93
CA ARG A 366 -3.50 -31.21 -1.21
C ARG A 366 -3.71 -29.92 -1.97
N ILE A 367 -2.82 -29.58 -2.91
CA ILE A 367 -2.92 -28.34 -3.67
C ILE A 367 -3.88 -28.45 -4.84
N ARG A 368 -4.44 -29.64 -5.07
CA ARG A 368 -5.41 -29.80 -6.16
C ARG A 368 -6.67 -28.99 -5.92
N TYR A 369 -6.93 -28.56 -4.69
CA TYR A 369 -8.09 -27.73 -4.37
C TYR A 369 -7.73 -26.26 -4.16
N PHE A 370 -6.45 -25.94 -3.98
CA PHE A 370 -6.03 -24.57 -3.79
C PHE A 370 -6.12 -23.82 -5.13
N LEU A 371 -5.86 -22.51 -5.06
CA LEU A 371 -5.90 -21.69 -6.26
C LEU A 371 -4.83 -22.11 -7.25
N MET A 372 -5.23 -22.29 -8.51
CA MET A 372 -4.33 -22.76 -9.54
C MET A 372 -4.36 -21.84 -10.76
N ASP A 373 -3.73 -22.25 -11.85
CA ASP A 373 -3.74 -21.53 -13.12
C ASP A 373 -3.11 -20.16 -12.92
N ALA A 374 -3.60 -19.14 -13.63
CA ALA A 374 -3.08 -17.79 -13.50
C ALA A 374 -3.60 -17.12 -12.24
N SER B 1 17.57 15.38 8.84
CA SER B 1 16.80 16.60 8.63
C SER B 1 17.69 17.74 8.17
N GLN B 2 18.05 17.73 6.87
CA GLN B 2 18.89 18.80 6.32
C GLN B 2 18.16 20.12 6.25
N VAL B 3 16.83 20.11 6.28
CA VAL B 3 16.02 21.32 6.19
C VAL B 3 15.33 21.55 7.53
N GLN B 4 15.33 22.81 7.98
CA GLN B 4 14.72 23.19 9.23
C GLN B 4 13.98 24.50 9.06
N LEU B 5 13.00 24.74 9.93
CA LEU B 5 12.17 25.94 9.89
C LEU B 5 12.41 26.77 11.13
N VAL B 6 12.56 28.08 10.95
CA VAL B 6 12.73 29.01 12.05
C VAL B 6 11.60 30.03 11.96
N GLU B 7 10.88 30.21 13.06
CA GLU B 7 9.73 31.10 13.11
C GLU B 7 9.96 32.20 14.15
N SER B 8 9.46 33.39 13.84
CA SER B 8 9.61 34.54 14.73
C SER B 8 8.53 35.56 14.42
N GLY B 9 8.35 36.50 15.33
CA GLY B 9 7.39 37.56 15.16
C GLY B 9 6.11 37.40 15.96
N GLY B 10 5.88 36.24 16.55
CA GLY B 10 4.67 36.04 17.34
C GLY B 10 4.65 36.90 18.58
N GLY B 11 3.45 37.23 19.03
CA GLY B 11 3.29 38.06 20.21
C GLY B 11 1.84 38.36 20.47
N SER B 12 1.61 39.26 21.41
CA SER B 12 0.27 39.69 21.79
C SER B 12 -0.03 41.04 21.16
N VAL B 13 -1.13 41.11 20.42
CA VAL B 13 -1.54 42.32 19.72
C VAL B 13 -3.00 42.61 20.08
N GLN B 14 -3.30 43.88 20.31
CA GLN B 14 -4.66 44.29 20.61
C GLN B 14 -5.58 43.99 19.43
N ALA B 15 -6.82 43.62 19.73
CA ALA B 15 -7.79 43.28 18.68
C ALA B 15 -8.01 44.47 17.76
N GLY B 16 -8.12 44.18 16.47
CA GLY B 16 -8.27 45.21 15.46
C GLY B 16 -6.98 45.79 14.94
N GLY B 17 -5.85 45.35 15.45
CA GLY B 17 -4.55 45.83 15.02
C GLY B 17 -3.96 45.00 13.90
N SER B 18 -2.63 44.97 13.84
CA SER B 18 -1.93 44.23 12.81
C SER B 18 -0.73 43.52 13.41
N LEU B 19 -0.33 42.43 12.77
CA LEU B 19 0.83 41.65 13.21
C LEU B 19 1.45 40.96 12.01
N ARG B 20 2.78 40.88 12.01
CA ARG B 20 3.54 40.25 10.94
C ARG B 20 4.37 39.12 11.53
N LEU B 21 4.35 37.96 10.89
CA LEU B 21 5.12 36.80 11.31
C LEU B 21 6.05 36.36 10.20
N SER B 22 7.28 36.00 10.57
CA SER B 22 8.31 35.60 9.63
C SER B 22 8.65 34.13 9.82
N CYS B 23 8.90 33.44 8.71
CA CYS B 23 9.29 32.04 8.74
C CYS B 23 10.39 31.82 7.71
N ALA B 24 11.56 31.39 8.17
CA ALA B 24 12.72 31.20 7.32
C ALA B 24 13.06 29.72 7.23
N ALA B 25 13.37 29.28 6.01
CA ALA B 25 13.74 27.89 5.74
C ALA B 25 15.25 27.79 5.60
N SER B 26 15.86 26.90 6.39
CA SER B 26 17.30 26.68 6.37
C SER B 26 17.58 25.39 5.61
N GLY B 27 18.47 25.47 4.62
CA GLY B 27 18.78 24.32 3.79
C GLY B 27 18.47 24.57 2.33
N ASN B 28 17.95 23.57 1.64
CA ASN B 28 17.57 23.69 0.24
C ASN B 28 16.06 23.56 0.08
N ILE B 29 15.50 24.43 -0.75
CA ILE B 29 14.07 24.40 -1.06
C ILE B 29 13.88 24.40 -2.56
N ALA B 30 14.86 23.85 -3.28
CA ALA B 30 14.80 23.85 -4.74
C ALA B 30 13.60 23.05 -5.25
N ASP B 31 13.34 21.90 -4.65
CA ASP B 31 12.21 21.06 -5.03
C ASP B 31 11.01 21.22 -4.10
N ILE B 32 11.04 22.21 -3.21
CA ILE B 32 9.92 22.45 -2.30
C ILE B 32 8.85 23.25 -3.04
N TYR B 33 7.64 22.71 -3.08
CA TYR B 33 6.58 23.26 -3.91
C TYR B 33 5.63 24.14 -3.10
N TYR B 34 5.05 23.59 -2.05
CA TYR B 34 4.13 24.31 -1.18
C TYR B 34 4.81 24.70 0.13
N LEU B 35 4.35 25.81 0.70
CA LEU B 35 4.70 26.17 2.06
C LEU B 35 3.70 27.21 2.54
N GLY B 36 3.17 27.00 3.74
CA GLY B 36 2.12 27.84 4.24
C GLY B 36 2.11 27.91 5.75
N TRP B 37 0.95 28.26 6.30
CA TRP B 37 0.78 28.46 7.73
C TRP B 37 -0.48 27.76 8.22
N PHE B 38 -0.47 27.41 9.50
CA PHE B 38 -1.62 26.84 10.18
C PHE B 38 -1.70 27.44 11.57
N ARG B 39 -2.88 27.37 12.18
CA ARG B 39 -3.10 27.90 13.52
C ARG B 39 -3.61 26.80 14.44
N GLN B 40 -3.10 26.79 15.67
CA GLN B 40 -3.47 25.79 16.67
C GLN B 40 -3.89 26.46 17.96
N ALA B 41 -5.14 26.25 18.34
CA ALA B 41 -5.68 26.63 19.63
C ALA B 41 -6.41 25.44 20.23
N PRO B 42 -6.47 25.35 21.56
CA PRO B 42 -7.12 24.19 22.18
C PRO B 42 -8.58 24.07 21.76
N GLY B 43 -9.02 22.83 21.54
CA GLY B 43 -10.40 22.56 21.21
C GLY B 43 -10.73 22.49 19.74
N LYS B 44 -9.74 22.58 18.86
CA LYS B 44 -9.99 22.42 17.43
C LYS B 44 -8.72 21.99 16.72
N GLU B 45 -8.90 21.49 15.49
CA GLU B 45 -7.84 20.89 14.70
C GLU B 45 -7.11 21.94 13.88
N ARG B 46 -5.97 21.54 13.31
CA ARG B 46 -5.20 22.42 12.43
C ARG B 46 -6.02 22.80 11.21
N GLU B 47 -5.90 24.06 10.80
CA GLU B 47 -6.54 24.55 9.59
C GLU B 47 -5.55 25.40 8.81
N GLY B 48 -5.63 25.36 7.49
CA GLY B 48 -4.70 26.09 6.66
C GLY B 48 -5.01 27.57 6.55
N VAL B 49 -4.19 28.39 7.21
CA VAL B 49 -4.40 29.84 7.18
C VAL B 49 -4.15 30.38 5.79
N ALA B 50 -3.01 30.02 5.19
CA ALA B 50 -2.63 30.50 3.86
C ALA B 50 -1.49 29.62 3.36
N ALA B 51 -1.21 29.75 2.07
CA ALA B 51 -0.12 29.00 1.45
C ALA B 51 0.26 29.70 0.15
N LEU B 52 1.44 29.35 -0.36
CA LEU B 52 1.88 29.88 -1.64
C LEU B 52 2.84 28.89 -2.28
N ILE B 53 3.05 29.06 -3.57
CA ILE B 53 3.92 28.19 -4.36
C ILE B 53 5.26 28.90 -4.57
N THR B 54 6.35 28.17 -4.33
CA THR B 54 7.68 28.73 -4.55
C THR B 54 7.90 29.09 -6.02
N TYR B 55 7.45 28.22 -6.93
CA TYR B 55 7.68 28.45 -8.35
C TYR B 55 6.81 29.61 -8.87
N ASN B 56 5.50 29.47 -8.77
CA ASN B 56 4.59 30.46 -9.34
C ASN B 56 4.36 31.63 -8.40
N GLY B 57 3.87 31.35 -7.19
CA GLY B 57 3.50 32.38 -6.26
C GLY B 57 2.01 32.52 -6.01
N ARG B 58 1.19 31.61 -6.53
CA ARG B 58 -0.25 31.65 -6.32
C ARG B 58 -0.57 31.47 -4.84
N THR B 59 -1.15 32.50 -4.23
CA THR B 59 -1.39 32.51 -2.78
C THR B 59 -2.77 31.92 -2.51
N TYR B 60 -2.80 30.60 -2.31
CA TYR B 60 -4.04 29.94 -1.90
C TYR B 60 -4.40 30.36 -0.48
N TYR B 61 -5.68 30.66 -0.26
CA TYR B 61 -6.16 31.18 1.01
C TYR B 61 -7.25 30.26 1.56
N ALA B 62 -7.79 30.65 2.71
CA ALA B 62 -8.90 29.96 3.34
C ALA B 62 -10.10 30.90 3.43
N ASP B 63 -11.29 30.32 3.35
CA ASP B 63 -12.51 31.12 3.34
C ASP B 63 -12.66 31.94 4.63
N SER B 64 -12.14 31.41 5.75
CA SER B 64 -12.28 32.11 7.02
C SER B 64 -11.45 33.38 7.09
N VAL B 65 -10.36 33.46 6.32
CA VAL B 65 -9.47 34.62 6.38
C VAL B 65 -9.21 35.16 4.98
N LYS B 66 -10.06 34.77 4.02
CA LYS B 66 -9.87 35.23 2.65
C LYS B 66 -10.01 36.74 2.54
N GLY B 67 -9.11 37.37 1.79
CA GLY B 67 -9.16 38.79 1.60
C GLY B 67 -8.76 39.61 2.80
N ARG B 68 -8.06 39.02 3.75
CA ARG B 68 -7.64 39.72 4.96
C ARG B 68 -6.15 39.66 5.20
N PHE B 69 -5.51 38.53 4.91
CA PHE B 69 -4.08 38.36 5.13
C PHE B 69 -3.30 38.55 3.83
N THR B 70 -2.00 38.78 3.97
CA THR B 70 -1.10 38.95 2.84
C THR B 70 0.16 38.13 3.10
N VAL B 71 0.33 37.06 2.33
CA VAL B 71 1.48 36.17 2.46
C VAL B 71 2.31 36.28 1.20
N SER B 72 3.62 36.46 1.36
CA SER B 72 4.53 36.61 0.24
C SER B 72 5.85 35.94 0.56
N LEU B 73 6.57 35.55 -0.48
CA LEU B 73 7.86 34.90 -0.36
C LEU B 73 8.92 35.69 -1.09
N ASP B 74 10.07 35.87 -0.46
CA ASP B 74 11.22 36.53 -1.05
C ASP B 74 12.33 35.51 -1.21
N ASN B 75 12.81 35.33 -2.44
CA ASN B 75 13.79 34.29 -2.73
C ASN B 75 15.22 34.69 -2.38
N ALA B 76 15.47 35.97 -2.07
CA ALA B 76 16.82 36.40 -1.71
C ALA B 76 17.27 35.74 -0.42
N LYS B 77 16.39 35.65 0.57
CA LYS B 77 16.70 35.03 1.85
C LYS B 77 15.97 33.71 2.07
N ASN B 78 15.20 33.26 1.08
CA ASN B 78 14.41 32.03 1.18
C ASN B 78 13.49 32.07 2.40
N THR B 79 12.82 33.21 2.55
CA THR B 79 11.98 33.47 3.72
C THR B 79 10.57 33.80 3.25
N VAL B 80 9.59 33.39 4.05
CA VAL B 80 8.18 33.65 3.77
C VAL B 80 7.62 34.50 4.90
N TYR B 81 6.81 35.49 4.53
CA TYR B 81 6.24 36.43 5.49
C TYR B 81 4.72 36.41 5.37
N LEU B 82 4.04 36.40 6.51
CA LEU B 82 2.58 36.44 6.57
C LEU B 82 2.17 37.63 7.42
N GLN B 83 1.27 38.45 6.89
CA GLN B 83 0.79 39.64 7.58
C GLN B 83 -0.68 39.47 7.92
N MET B 84 -1.08 39.95 9.10
CA MET B 84 -2.45 39.89 9.56
C MET B 84 -2.97 41.29 9.82
N ASN B 85 -4.22 41.54 9.42
CA ASN B 85 -4.87 42.83 9.65
C ASN B 85 -6.25 42.59 10.26
N SER B 86 -6.70 43.55 11.07
CA SER B 86 -8.00 43.50 11.74
C SER B 86 -8.13 42.20 12.55
N LEU B 87 -7.22 42.05 13.51
CA LEU B 87 -7.19 40.85 14.33
C LEU B 87 -8.43 40.75 15.22
N LYS B 88 -8.87 39.52 15.44
CA LYS B 88 -10.03 39.20 16.26
C LYS B 88 -9.62 38.14 17.28
N PRO B 89 -10.35 38.04 18.40
CA PRO B 89 -9.93 37.10 19.46
C PRO B 89 -9.81 35.66 19.00
N GLU B 90 -10.64 35.23 18.04
CA GLU B 90 -10.54 33.85 17.56
C GLU B 90 -9.25 33.60 16.80
N ASP B 91 -8.53 34.64 16.40
CA ASP B 91 -7.25 34.46 15.73
C ASP B 91 -6.15 34.01 16.68
N THR B 92 -6.36 34.15 17.99
CA THR B 92 -5.36 33.73 18.97
C THR B 92 -5.16 32.21 18.89
N ALA B 93 -3.98 31.79 18.48
CA ALA B 93 -3.66 30.38 18.33
C ALA B 93 -2.15 30.24 18.16
N LEU B 94 -1.68 29.00 18.20
CA LEU B 94 -0.29 28.67 17.92
C LEU B 94 -0.14 28.49 16.42
N TYR B 95 0.67 29.34 15.80
CA TYR B 95 0.81 29.37 14.35
C TYR B 95 2.04 28.57 13.93
N TYR B 96 1.81 27.54 13.10
CA TYR B 96 2.86 26.66 12.62
C TYR B 96 3.16 26.96 11.16
N CYS B 97 4.44 26.98 10.81
CA CYS B 97 4.89 27.17 9.45
C CYS B 97 5.50 25.88 8.93
N ALA B 98 5.03 25.42 7.76
CA ALA B 98 5.44 24.14 7.23
C ALA B 98 5.57 24.22 5.71
N ALA B 99 6.32 23.29 5.14
CA ALA B 99 6.53 23.22 3.70
C ALA B 99 6.32 21.78 3.23
N ALA B 100 6.01 21.65 1.95
CA ALA B 100 5.70 20.34 1.37
C ALA B 100 6.40 20.19 0.02
N TYR B 101 6.86 18.98 -0.26
CA TYR B 101 7.39 18.67 -1.57
C TYR B 101 6.26 18.60 -2.60
N ASN B 102 6.62 18.69 -3.87
CA ASN B 102 5.64 18.52 -4.93
C ASN B 102 5.16 17.07 -5.01
N GLY B 103 3.92 16.91 -5.42
CA GLY B 103 3.33 15.59 -5.49
C GLY B 103 2.08 15.58 -6.33
N LEU B 104 1.42 14.42 -6.35
CA LEU B 104 0.22 14.25 -7.16
C LEU B 104 -0.92 15.12 -6.63
N ILE B 105 -1.14 15.11 -5.32
CA ILE B 105 -2.22 15.90 -4.74
C ILE B 105 -1.83 17.37 -4.74
N ALA B 106 -2.71 18.21 -5.27
CA ALA B 106 -2.51 19.65 -5.30
C ALA B 106 -3.59 20.29 -4.42
N ALA B 107 -3.29 20.37 -3.13
CA ALA B 107 -4.20 20.99 -2.16
C ALA B 107 -3.37 21.58 -1.04
N PRO B 108 -2.98 22.85 -1.16
CA PRO B 108 -2.10 23.44 -0.15
C PRO B 108 -2.86 23.97 1.06
N LEU B 109 -3.82 23.18 1.55
CA LEU B 109 -4.50 23.48 2.79
C LEU B 109 -4.70 22.26 3.68
N LYS B 110 -4.54 21.05 3.18
CA LYS B 110 -4.72 19.86 3.99
C LYS B 110 -3.59 19.73 5.00
N VAL B 111 -3.94 19.35 6.23
CA VAL B 111 -2.94 19.21 7.29
C VAL B 111 -1.94 18.12 6.93
N THR B 112 -2.41 17.00 6.42
CA THR B 112 -1.56 15.87 6.11
C THR B 112 -0.82 16.03 4.79
N ARG B 113 -1.12 17.09 4.03
CA ARG B 113 -0.44 17.30 2.75
C ARG B 113 1.04 17.62 2.96
N TYR B 114 1.36 18.42 3.97
CA TYR B 114 2.71 18.90 4.16
C TYR B 114 3.59 17.83 4.80
N TRP B 115 4.88 17.91 4.53
CA TRP B 115 5.83 16.89 4.98
C TRP B 115 6.47 17.24 6.32
N TYR B 116 7.19 18.36 6.38
CA TYR B 116 7.90 18.73 7.59
C TYR B 116 7.47 20.11 8.05
N TRP B 117 7.39 20.30 9.36
CA TRP B 117 6.83 21.48 9.99
C TRP B 117 7.90 22.21 10.79
N GLY B 118 7.48 23.24 11.53
CA GLY B 118 8.37 24.00 12.38
C GLY B 118 7.83 24.08 13.79
N GLN B 119 8.62 24.71 14.66
CA GLN B 119 8.24 24.83 16.06
C GLN B 119 6.99 25.69 16.22
N GLY B 120 6.90 26.81 15.51
CA GLY B 120 5.76 27.68 15.59
C GLY B 120 5.90 28.75 16.65
N THR B 121 5.07 29.79 16.53
CA THR B 121 5.06 30.91 17.45
C THR B 121 3.64 31.16 17.95
N GLN B 122 3.56 31.74 19.15
CA GLN B 122 2.27 32.05 19.76
C GLN B 122 1.81 33.44 19.35
N VAL B 123 0.53 33.55 19.00
CA VAL B 123 -0.10 34.83 18.67
C VAL B 123 -1.31 35.01 19.58
N THR B 124 -1.36 36.14 20.26
CA THR B 124 -2.44 36.45 21.20
C THR B 124 -3.17 37.70 20.75
N VAL B 125 -4.49 37.65 20.73
CA VAL B 125 -5.33 38.78 20.35
C VAL B 125 -6.27 39.08 21.51
N SER B 126 -6.31 40.34 21.93
CA SER B 126 -7.17 40.76 23.03
C SER B 126 -8.41 41.47 22.52
#